data_3TCE
#
_entry.id   3TCE
#
_cell.length_a   52.602
_cell.length_b   121.721
_cell.length_c   50.125
_cell.angle_alpha   90.00
_cell.angle_beta   114.39
_cell.angle_gamma   90.00
#
_symmetry.space_group_name_H-M   'P 1 21 1'
#
loop_
_entity.id
_entity.type
_entity.pdbx_description
1 polymer 'Dihydrodipicolinate synthase'
2 non-polymer 5-HYDROXYLYSINE
3 water water
#
_entity_poly.entity_id   1
_entity_poly.type   'polypeptide(L)'
_entity_poly.pdbx_seq_one_letter_code
;TIQGSIVAIVTPMLKDGGVDWKSLEKLVEWHIEQGTNSIVAVGTTGEASTLSMEEHTQVIKEIIRVANKRIPIIAGTGAN
STREAIELTKAAKDLGADAALLVTPYYNKPTQEGLYQHYKAIAEAVELPLILYNVPGRTGVDLSNDTAVRLAEIPNIVGI
KDATGDVPRGKALIDALNGKMAVYSGDDETAWELMLLGADGNISVTANIAPKAMSEVCAVAIAKDEQQAKTLNNKIANLH
NILFCESNPIPVKWALHEMGLIDTGIRLPLTPLAEQYREPLRNALKDAGII
;
_entity_poly.pdbx_strand_id   A,B
#
# COMPACT_ATOMS: atom_id res chain seq x y z
N THR A 1 -0.48 28.17 5.12
CA THR A 1 0.53 29.22 4.75
C THR A 1 1.11 29.04 3.32
N ILE A 2 1.27 27.83 2.82
CA ILE A 2 1.64 27.63 1.42
C ILE A 2 0.40 27.51 0.63
N GLN A 3 0.16 28.38 -0.32
CA GLN A 3 -1.13 28.32 -1.03
C GLN A 3 -1.06 28.37 -2.56
N GLY A 4 -2.11 27.88 -3.19
CA GLY A 4 -2.16 27.93 -4.64
C GLY A 4 -2.00 26.62 -5.35
N SER A 5 -1.42 26.70 -6.54
CA SER A 5 -1.16 25.55 -7.38
C SER A 5 0.12 24.83 -6.94
N ILE A 6 -0.03 23.67 -6.32
CA ILE A 6 1.13 22.90 -5.88
C ILE A 6 1.25 21.64 -6.73
N VAL A 7 2.31 21.56 -7.54
CA VAL A 7 2.41 20.44 -8.45
C VAL A 7 3.13 19.23 -7.86
N ALA A 8 2.46 18.09 -7.93
CA ALA A 8 3.03 16.82 -7.50
C ALA A 8 3.84 16.54 -8.76
N ILE A 9 5.12 16.78 -8.73
CA ILE A 9 5.92 16.66 -9.90
C ILE A 9 6.25 15.23 -10.14
N VAL A 10 6.32 14.89 -11.42
CA VAL A 10 6.67 13.56 -11.89
C VAL A 10 8.16 13.47 -11.66
N THR A 11 8.72 12.29 -11.80
CA THR A 11 10.16 12.14 -11.67
C THR A 11 10.59 11.57 -13.00
N PRO A 12 10.86 12.45 -13.98
CA PRO A 12 11.29 12.03 -15.33
C PRO A 12 12.32 10.91 -15.33
N MET A 13 12.20 10.00 -16.29
CA MET A 13 13.15 8.90 -16.36
C MET A 13 13.61 8.70 -17.80
N LEU A 14 14.78 8.08 -17.94
CA LEU A 14 15.34 7.79 -19.24
C LEU A 14 14.74 6.44 -19.56
N LYS A 15 14.83 6.00 -20.81
CA LYS A 15 14.30 4.70 -21.21
C LYS A 15 14.70 3.61 -20.22
N ASP A 16 15.94 3.65 -19.73
CA ASP A 16 16.40 2.62 -18.82
C ASP A 16 15.79 2.68 -17.42
N GLY A 17 15.17 3.80 -17.07
CA GLY A 17 14.51 3.88 -15.77
C GLY A 17 15.17 4.73 -14.73
N GLY A 18 16.41 5.12 -14.99
CA GLY A 18 17.14 5.97 -14.08
C GLY A 18 16.61 7.38 -14.24
N VAL A 19 16.75 8.17 -13.18
CA VAL A 19 16.28 9.55 -13.15
C VAL A 19 16.88 10.43 -14.26
N ASP A 20 16.09 11.37 -14.77
CA ASP A 20 16.54 12.28 -15.83
C ASP A 20 16.77 13.67 -15.23
N TRP A 21 17.86 13.79 -14.50
CA TRP A 21 18.24 15.03 -13.84
C TRP A 21 18.24 16.24 -14.78
N LYS A 22 18.53 15.99 -16.06
CA LYS A 22 18.56 17.05 -17.06
C LYS A 22 17.14 17.60 -17.20
N SER A 23 16.20 16.72 -17.55
CA SER A 23 14.81 17.13 -17.71
C SER A 23 14.19 17.60 -16.39
N LEU A 24 14.46 16.92 -15.29
CA LEU A 24 13.90 17.32 -13.99
C LEU A 24 14.16 18.81 -13.71
N GLU A 25 15.39 19.27 -13.95
CA GLU A 25 15.75 20.67 -13.74
C GLU A 25 14.91 21.57 -14.65
N LYS A 26 14.76 21.16 -15.91
CA LYS A 26 13.97 21.92 -16.88
C LYS A 26 12.54 22.07 -16.39
N LEU A 27 11.93 20.95 -16.01
CA LEU A 27 10.56 20.97 -15.48
C LEU A 27 10.43 21.86 -14.25
N VAL A 28 11.43 21.84 -13.37
CA VAL A 28 11.39 22.68 -12.17
C VAL A 28 11.47 24.15 -12.56
N GLU A 29 12.37 24.46 -13.49
CA GLU A 29 12.55 25.84 -13.95
C GLU A 29 11.32 26.33 -14.71
N TRP A 30 10.70 25.43 -15.45
CA TRP A 30 9.53 25.72 -16.26
C TRP A 30 8.23 25.86 -15.46
N HIS A 31 8.17 25.24 -14.28
CA HIS A 31 6.98 25.35 -13.43
C HIS A 31 7.04 26.70 -12.74
N ILE A 32 8.25 27.11 -12.38
CA ILE A 32 8.42 28.39 -11.71
C ILE A 32 8.04 29.51 -12.68
N GLU A 33 8.51 29.40 -13.92
CA GLU A 33 8.22 30.40 -14.94
C GLU A 33 6.72 30.43 -15.22
N GLN A 34 6.10 29.26 -15.37
CA GLN A 34 4.67 29.20 -15.65
C GLN A 34 3.74 29.72 -14.57
N GLY A 35 4.14 29.66 -13.30
CA GLY A 35 3.28 30.18 -12.25
C GLY A 35 2.99 29.21 -11.13
N THR A 36 3.58 28.02 -11.20
CA THR A 36 3.37 27.04 -10.14
C THR A 36 3.90 27.65 -8.84
N ASN A 37 3.09 27.60 -7.78
CA ASN A 37 3.48 28.16 -6.50
C ASN A 37 4.41 27.28 -5.66
N SER A 38 4.18 25.97 -5.70
CA SER A 38 5.03 25.04 -4.94
C SER A 38 5.15 23.69 -5.63
N ILE A 39 6.16 22.91 -5.28
CA ILE A 39 6.33 21.56 -5.77
C ILE A 39 6.37 20.52 -4.65
N VAL A 40 5.76 19.38 -4.90
CA VAL A 40 5.81 18.24 -4.00
C VAL A 40 6.86 17.36 -4.66
N ALA A 41 7.95 17.08 -3.96
CA ALA A 41 8.97 16.20 -4.51
C ALA A 41 8.66 14.74 -4.09
N VAL A 42 8.80 13.83 -5.04
CA VAL A 42 8.55 12.41 -4.81
C VAL A 42 7.33 11.99 -3.99
N GLY A 43 6.15 12.22 -4.56
CA GLY A 43 4.90 11.83 -3.95
C GLY A 43 4.42 10.73 -4.88
N THR A 44 3.14 10.40 -4.83
CA THR A 44 2.56 9.35 -5.67
C THR A 44 2.84 9.59 -7.17
N THR A 45 2.55 10.81 -7.61
CA THR A 45 2.73 11.20 -9.00
C THR A 45 4.20 11.24 -9.42
N GLY A 46 5.09 11.23 -8.42
CA GLY A 46 6.51 11.26 -8.68
C GLY A 46 7.17 9.93 -8.44
N GLU A 47 6.34 8.89 -8.28
CA GLU A 47 6.82 7.53 -8.05
C GLU A 47 7.68 7.30 -6.81
N ALA A 48 7.27 7.87 -5.69
CA ALA A 48 8.02 7.68 -4.45
C ALA A 48 8.26 6.19 -4.26
N SER A 49 7.25 5.40 -4.62
CA SER A 49 7.26 3.95 -4.49
C SER A 49 8.42 3.18 -5.12
N THR A 50 8.84 3.58 -6.31
CA THR A 50 9.91 2.84 -6.94
C THR A 50 11.28 3.52 -6.94
N LEU A 51 11.47 4.46 -6.03
CA LEU A 51 12.77 5.11 -5.93
C LEU A 51 13.33 4.74 -4.57
N SER A 52 14.59 4.34 -4.56
CA SER A 52 15.29 3.95 -3.34
C SER A 52 15.38 5.13 -2.42
N MET A 53 15.74 4.87 -1.17
CA MET A 53 15.92 5.95 -0.22
C MET A 53 17.03 6.88 -0.78
N GLU A 54 18.02 6.32 -1.47
CA GLU A 54 19.10 7.13 -2.04
C GLU A 54 18.52 8.10 -3.07
N GLU A 55 17.70 7.57 -3.98
CA GLU A 55 17.07 8.39 -5.03
C GLU A 55 16.02 9.34 -4.47
N HIS A 56 15.30 8.88 -3.46
CA HIS A 56 14.27 9.66 -2.80
C HIS A 56 14.92 10.98 -2.36
N THR A 57 16.07 10.86 -1.70
CA THR A 57 16.82 11.99 -1.20
C THR A 57 17.45 12.85 -2.32
N GLN A 58 17.99 12.20 -3.34
CA GLN A 58 18.61 12.91 -4.48
C GLN A 58 17.62 13.84 -5.16
N VAL A 59 16.38 13.39 -5.29
CA VAL A 59 15.36 14.17 -5.96
C VAL A 59 14.91 15.38 -5.14
N ILE A 60 14.57 15.20 -3.89
CA ILE A 60 14.31 16.34 -3.03
C ILE A 60 15.51 17.27 -3.09
N LYS A 61 16.68 16.69 -3.06
CA LYS A 61 17.91 17.47 -3.16
C LYS A 61 17.96 18.33 -4.43
N GLU A 62 17.80 17.72 -5.61
CA GLU A 62 17.85 18.48 -6.87
C GLU A 62 16.73 19.49 -7.06
N ILE A 63 15.53 19.13 -6.62
CA ILE A 63 14.44 20.06 -6.77
C ILE A 63 14.65 21.25 -5.84
N ILE A 64 15.18 21.00 -4.64
CA ILE A 64 15.46 22.08 -3.71
C ILE A 64 16.55 23.00 -4.27
N ARG A 65 17.52 22.39 -4.95
CA ARG A 65 18.61 23.12 -5.58
C ARG A 65 18.14 24.08 -6.67
N VAL A 66 17.58 23.52 -7.74
CA VAL A 66 17.14 24.31 -8.87
C VAL A 66 16.11 25.41 -8.57
N ALA A 67 15.21 25.17 -7.62
CA ALA A 67 14.20 26.17 -7.27
C ALA A 67 14.86 27.44 -6.71
N ASN A 68 16.02 27.24 -6.08
CA ASN A 68 16.83 28.32 -5.51
C ASN A 68 16.12 29.19 -4.46
N LYS A 69 15.10 28.62 -3.83
CA LYS A 69 14.31 29.28 -2.79
C LYS A 69 13.33 30.32 -3.33
N ARG A 70 13.02 30.20 -4.62
CA ARG A 70 12.06 31.11 -5.27
C ARG A 70 10.62 30.71 -4.90
N ILE A 71 10.38 29.45 -4.57
CA ILE A 71 9.09 28.91 -4.17
C ILE A 71 9.34 27.80 -3.19
N PRO A 72 8.39 27.47 -2.34
CA PRO A 72 8.59 26.42 -1.37
C PRO A 72 8.52 25.02 -1.93
N ILE A 73 9.32 24.12 -1.38
CA ILE A 73 9.40 22.76 -1.82
C ILE A 73 8.93 21.83 -0.74
N ILE A 74 7.91 21.12 -1.07
CA ILE A 74 7.35 20.16 -0.11
C ILE A 74 7.91 18.78 -0.42
N ALA A 75 8.35 18.05 0.59
CA ALA A 75 8.90 16.74 0.33
C ALA A 75 7.94 15.60 0.65
N GLY A 76 7.81 14.69 -0.31
CA GLY A 76 6.98 13.51 -0.10
C GLY A 76 7.84 12.61 0.75
N THR A 77 7.48 12.48 2.02
CA THR A 77 8.24 11.64 2.95
C THR A 77 7.42 10.47 3.49
N GLY A 78 6.26 10.22 2.88
CA GLY A 78 5.40 9.15 3.35
C GLY A 78 5.87 7.70 3.26
N ALA A 79 5.46 6.94 4.28
CA ALA A 79 5.74 5.51 4.41
C ALA A 79 4.66 4.86 5.28
N ASN A 80 4.43 3.57 5.08
CA ASN A 80 3.43 2.86 5.86
C ASN A 80 4.08 2.26 7.12
N SER A 81 5.34 2.65 7.37
CA SER A 81 6.07 2.24 8.57
C SER A 81 6.41 3.54 9.27
N THR A 82 5.99 3.66 10.52
CA THR A 82 6.23 4.86 11.32
C THR A 82 7.72 5.21 11.44
N ARG A 83 8.52 4.24 11.86
CA ARG A 83 9.95 4.43 12.00
C ARG A 83 10.56 4.84 10.66
N GLU A 84 10.06 4.26 9.58
CA GLU A 84 10.60 4.60 8.27
C GLU A 84 10.16 6.02 7.91
N ALA A 85 8.90 6.33 8.15
CA ALA A 85 8.38 7.66 7.85
C ALA A 85 9.24 8.69 8.56
N ILE A 86 9.60 8.41 9.81
CA ILE A 86 10.42 9.35 10.57
C ILE A 86 11.80 9.55 9.93
N GLU A 87 12.38 8.49 9.37
CA GLU A 87 13.68 8.61 8.72
C GLU A 87 13.59 9.44 7.44
N LEU A 88 12.55 9.19 6.64
CA LEU A 88 12.34 9.92 5.39
C LEU A 88 12.06 11.40 5.66
N THR A 89 11.30 11.67 6.71
CA THR A 89 10.94 13.04 7.09
C THR A 89 12.16 13.79 7.65
N LYS A 90 12.99 13.08 8.40
CA LYS A 90 14.21 13.69 8.94
C LYS A 90 15.13 14.14 7.80
N ALA A 91 15.39 13.25 6.84
CA ALA A 91 16.25 13.57 5.71
C ALA A 91 15.73 14.80 4.98
N ALA A 92 14.41 14.90 4.84
CA ALA A 92 13.84 16.06 4.15
C ALA A 92 14.20 17.31 4.95
N LYS A 93 13.89 17.29 6.25
CA LYS A 93 14.19 18.44 7.11
C LYS A 93 15.66 18.83 6.97
N ASP A 94 16.53 17.83 6.87
CA ASP A 94 17.97 18.09 6.71
C ASP A 94 18.29 18.63 5.32
N LEU A 95 17.60 18.15 4.29
CA LEU A 95 17.84 18.62 2.93
C LEU A 95 17.38 20.06 2.74
N GLY A 96 16.53 20.52 3.65
CA GLY A 96 16.05 21.89 3.60
C GLY A 96 14.68 22.11 3.03
N ALA A 97 13.85 21.07 3.01
CA ALA A 97 12.50 21.18 2.49
C ALA A 97 11.69 22.12 3.39
N ASP A 98 10.55 22.60 2.87
CA ASP A 98 9.69 23.53 3.61
C ASP A 98 8.61 22.86 4.45
N ALA A 99 8.15 21.70 3.99
CA ALA A 99 7.15 20.94 4.71
C ALA A 99 7.21 19.53 4.17
N ALA A 100 6.37 18.66 4.70
CA ALA A 100 6.39 17.27 4.28
C ALA A 100 4.97 16.75 4.14
N LEU A 101 4.77 15.98 3.08
CA LEU A 101 3.48 15.36 2.79
C LEU A 101 3.63 13.87 3.06
N LEU A 102 2.77 13.33 3.92
CA LEU A 102 2.81 11.92 4.30
C LEU A 102 1.51 11.20 4.11
N VAL A 103 1.44 10.42 3.05
CA VAL A 103 0.23 9.66 2.78
C VAL A 103 0.00 8.78 3.99
N THR A 104 -1.25 8.51 4.31
CA THR A 104 -1.58 7.65 5.43
C THR A 104 -0.90 6.31 5.18
N PRO A 105 -0.50 5.60 6.25
CA PRO A 105 0.11 4.31 5.98
C PRO A 105 -0.80 3.51 5.05
N TYR A 106 -0.22 2.90 4.03
CA TYR A 106 -1.00 2.11 3.07
C TYR A 106 -0.83 0.64 3.35
N TYR A 107 -1.82 -0.13 2.90
CA TYR A 107 -1.75 -1.58 3.01
C TYR A 107 -1.74 -2.23 4.40
N ASN A 108 -1.04 -1.71 5.39
CA ASN A 108 -1.17 -2.38 6.70
C ASN A 108 -2.44 -1.95 7.42
N LYS A 109 -3.19 -1.04 6.81
CA LYS A 109 -4.48 -0.61 7.37
C LYS A 109 -4.54 -0.34 8.87
N PRO A 110 -3.85 0.68 9.38
CA PRO A 110 -3.90 0.96 10.83
C PRO A 110 -5.28 1.40 11.33
N THR A 111 -5.49 1.44 12.65
CA THR A 111 -6.79 1.93 13.12
C THR A 111 -6.69 3.45 13.17
N GLN A 112 -7.80 4.13 13.41
CA GLN A 112 -7.73 5.58 13.46
C GLN A 112 -6.78 6.01 14.60
N GLU A 113 -6.75 5.25 15.70
CA GLU A 113 -5.84 5.60 16.77
C GLU A 113 -4.43 5.33 16.26
N GLY A 114 -4.28 4.26 15.49
CA GLY A 114 -3.00 3.93 14.91
C GLY A 114 -2.58 5.09 14.04
N LEU A 115 -3.51 5.62 13.25
CA LEU A 115 -3.17 6.75 12.39
C LEU A 115 -2.77 7.95 13.25
N TYR A 116 -3.56 8.23 14.28
CA TYR A 116 -3.27 9.34 15.19
C TYR A 116 -1.87 9.21 15.78
N GLN A 117 -1.58 8.03 16.35
CA GLN A 117 -0.28 7.76 16.97
C GLN A 117 0.88 7.88 15.98
N HIS A 118 0.69 7.31 14.80
CA HIS A 118 1.67 7.32 13.74
C HIS A 118 2.08 8.76 13.44
N TYR A 119 1.13 9.60 13.08
CA TYR A 119 1.45 11.00 12.80
C TYR A 119 1.92 11.72 14.06
N LYS A 120 1.36 11.39 15.21
CA LYS A 120 1.81 12.06 16.43
C LYS A 120 3.30 11.77 16.63
N ALA A 121 3.68 10.54 16.32
CA ALA A 121 5.08 10.13 16.48
C ALA A 121 6.05 10.84 15.54
N ILE A 122 5.63 11.08 14.31
CA ILE A 122 6.48 11.76 13.33
C ILE A 122 6.64 13.23 13.68
N ALA A 123 5.56 13.84 14.15
CA ALA A 123 5.56 15.25 14.54
C ALA A 123 6.48 15.55 15.72
N GLU A 124 6.55 14.64 16.67
CA GLU A 124 7.40 14.83 17.85
C GLU A 124 8.85 14.40 17.59
N ALA A 125 9.06 13.59 16.56
CA ALA A 125 10.38 13.12 16.19
C ALA A 125 11.11 14.11 15.28
N VAL A 126 10.39 14.67 14.30
CA VAL A 126 11.00 15.61 13.36
C VAL A 126 10.38 17.00 13.53
N GLU A 127 11.23 18.02 13.64
CA GLU A 127 10.75 19.39 13.79
C GLU A 127 10.51 19.95 12.38
N LEU A 128 9.33 19.69 11.82
CA LEU A 128 9.02 20.13 10.46
C LEU A 128 7.51 20.29 10.18
N PRO A 129 7.14 21.27 9.33
CA PRO A 129 5.71 21.42 9.04
C PRO A 129 5.30 20.14 8.34
N LEU A 130 4.17 19.57 8.75
CA LEU A 130 3.70 18.33 8.13
C LEU A 130 2.31 18.44 7.51
N ILE A 131 2.12 17.71 6.42
CA ILE A 131 0.84 17.73 5.70
C ILE A 131 0.29 16.33 5.48
N LEU A 132 -0.72 15.97 6.26
CA LEU A 132 -1.38 14.65 6.14
C LEU A 132 -1.85 14.51 4.71
N TYR A 133 -2.08 13.28 4.26
CA TYR A 133 -2.55 13.03 2.90
C TYR A 133 -3.45 11.79 2.96
N ASN A 134 -4.74 11.96 2.67
CA ASN A 134 -5.70 10.84 2.71
C ASN A 134 -6.18 10.47 1.31
N VAL A 135 -6.04 9.20 0.94
CA VAL A 135 -6.46 8.76 -0.39
C VAL A 135 -6.93 7.31 -0.27
N PRO A 136 -7.92 7.05 0.62
CA PRO A 136 -8.43 5.69 0.82
C PRO A 136 -8.22 4.73 -0.36
N GLY A 137 -8.65 5.18 -1.54
CA GLY A 137 -8.56 4.37 -2.75
C GLY A 137 -7.27 3.64 -3.05
N ARG A 138 -6.15 4.18 -2.60
CA ARG A 138 -4.87 3.53 -2.83
C ARG A 138 -4.32 2.87 -1.58
N THR A 139 -4.69 3.41 -0.42
CA THR A 139 -4.18 2.90 0.85
C THR A 139 -4.97 1.80 1.54
N GLY A 140 -6.29 1.79 1.35
CA GLY A 140 -7.10 0.78 2.00
C GLY A 140 -7.55 1.35 3.33
N VAL A 141 -7.23 2.62 3.58
CA VAL A 141 -7.63 3.23 4.82
C VAL A 141 -8.25 4.61 4.55
N ASP A 142 -8.99 5.10 5.53
CA ASP A 142 -9.60 6.40 5.38
C ASP A 142 -9.41 7.17 6.67
N LEU A 143 -8.63 8.23 6.56
CA LEU A 143 -8.41 9.10 7.69
C LEU A 143 -9.72 9.83 7.85
N SER A 144 -10.44 9.53 8.92
CA SER A 144 -11.72 10.16 9.18
C SER A 144 -11.51 11.65 9.36
N ASN A 145 -12.56 12.43 9.14
CA ASN A 145 -12.45 13.86 9.36
C ASN A 145 -12.19 14.09 10.84
N ASP A 146 -12.79 13.28 11.73
CA ASP A 146 -12.54 13.53 13.15
C ASP A 146 -11.10 13.26 13.57
N THR A 147 -10.43 12.31 12.93
CA THR A 147 -9.04 12.05 13.27
C THR A 147 -8.21 13.23 12.77
N ALA A 148 -8.55 13.74 11.58
CA ALA A 148 -7.84 14.89 11.03
C ALA A 148 -7.93 16.07 11.99
N VAL A 149 -9.14 16.35 12.47
CA VAL A 149 -9.35 17.46 13.41
C VAL A 149 -8.58 17.23 14.72
N ARG A 150 -8.55 16.00 15.19
CA ARG A 150 -7.79 15.67 16.41
C ARG A 150 -6.33 15.98 16.14
N LEU A 151 -5.83 15.52 14.99
CA LEU A 151 -4.44 15.71 14.61
C LEU A 151 -4.03 17.17 14.37
N ALA A 152 -5.00 18.04 14.07
CA ALA A 152 -4.67 19.45 13.82
C ALA A 152 -4.17 20.13 15.09
N GLU A 153 -4.45 19.50 16.24
CA GLU A 153 -4.02 20.02 17.54
C GLU A 153 -2.51 20.06 17.67
N ILE A 154 -1.87 19.00 17.17
CA ILE A 154 -0.44 18.86 17.22
C ILE A 154 0.27 20.03 16.54
N PRO A 155 1.16 20.71 17.27
CA PRO A 155 1.92 21.86 16.79
C PRO A 155 2.26 21.89 15.30
N ASN A 156 3.24 21.10 14.86
CA ASN A 156 3.59 21.16 13.45
C ASN A 156 2.92 20.23 12.42
N ILE A 157 1.67 19.87 12.70
CA ILE A 157 0.84 19.14 11.76
C ILE A 157 -0.07 20.18 11.12
N VAL A 158 0.42 20.78 10.03
CA VAL A 158 -0.17 22.01 9.52
C VAL A 158 -1.08 21.97 8.29
N GLY A 159 -1.56 20.78 7.93
CA GLY A 159 -2.43 20.68 6.77
C GLY A 159 -2.72 19.25 6.35
N ILE A 160 -3.71 19.10 5.49
CA ILE A 160 -4.10 17.78 5.01
C ILE A 160 -4.56 17.82 3.55
N LYS A 161 -3.95 16.98 2.72
CA LYS A 161 -4.30 16.90 1.31
C LYS A 161 -5.44 15.90 1.09
N ASP A 162 -6.65 16.42 0.97
CA ASP A 162 -7.83 15.58 0.79
C ASP A 162 -8.03 15.19 -0.68
N ALA A 163 -7.79 13.92 -0.98
CA ALA A 163 -7.97 13.40 -2.33
C ALA A 163 -9.28 12.64 -2.53
N THR A 164 -10.14 12.63 -1.51
CA THR A 164 -11.42 11.91 -1.61
C THR A 164 -12.30 12.27 -2.79
N GLY A 165 -12.37 13.56 -3.11
CA GLY A 165 -13.23 14.01 -4.19
C GLY A 165 -14.61 14.27 -3.59
N ASP A 166 -14.74 13.98 -2.31
CA ASP A 166 -15.98 14.14 -1.56
C ASP A 166 -16.16 15.56 -1.04
N VAL A 167 -16.54 16.44 -1.95
CA VAL A 167 -16.72 17.86 -1.66
C VAL A 167 -17.50 18.19 -0.37
N PRO A 168 -18.72 17.65 -0.24
CA PRO A 168 -19.47 17.95 0.99
C PRO A 168 -18.61 17.64 2.22
N ARG A 169 -18.04 16.44 2.22
CA ARG A 169 -17.18 15.97 3.29
C ARG A 169 -16.03 16.95 3.44
N GLY A 170 -15.50 17.35 2.28
CA GLY A 170 -14.38 18.27 2.25
C GLY A 170 -14.66 19.58 2.96
N LYS A 171 -15.81 20.19 2.70
CA LYS A 171 -16.16 21.45 3.33
C LYS A 171 -16.38 21.24 4.82
N ALA A 172 -17.05 20.14 5.16
CA ALA A 172 -17.33 19.84 6.57
C ALA A 172 -16.01 19.80 7.33
N LEU A 173 -14.95 19.34 6.68
CA LEU A 173 -13.64 19.30 7.33
C LEU A 173 -13.15 20.75 7.45
N ILE A 174 -13.10 21.44 6.31
CA ILE A 174 -12.68 22.84 6.27
C ILE A 174 -13.38 23.64 7.39
N ASP A 175 -14.66 23.30 7.62
CA ASP A 175 -15.45 23.97 8.63
C ASP A 175 -14.98 23.63 10.04
N ALA A 176 -14.99 22.34 10.36
CA ALA A 176 -14.58 21.87 11.67
C ALA A 176 -13.22 22.42 12.09
N LEU A 177 -12.30 22.47 11.13
CA LEU A 177 -10.95 22.96 11.39
C LEU A 177 -10.89 24.41 11.86
N ASN A 178 -11.81 25.23 11.36
CA ASN A 178 -11.85 26.65 11.69
C ASN A 178 -10.44 27.21 11.69
N GLY A 179 -9.72 26.91 10.62
CA GLY A 179 -8.35 27.38 10.43
C GLY A 179 -7.22 26.71 11.19
N LYS A 180 -7.48 25.62 11.92
CA LYS A 180 -6.39 24.96 12.67
C LYS A 180 -5.31 24.43 11.76
N MET A 181 -5.67 24.04 10.55
CA MET A 181 -4.68 23.56 9.61
C MET A 181 -5.21 23.74 8.20
N ALA A 182 -4.30 23.81 7.24
CA ALA A 182 -4.62 24.03 5.86
C ALA A 182 -5.22 22.83 5.19
N VAL A 183 -6.10 23.06 4.23
CA VAL A 183 -6.68 21.95 3.50
C VAL A 183 -6.33 22.13 2.03
N TYR A 184 -5.92 21.06 1.39
CA TYR A 184 -5.61 21.10 -0.03
C TYR A 184 -6.44 20.04 -0.70
N SER A 185 -6.65 20.22 -1.99
CA SER A 185 -7.40 19.22 -2.72
C SER A 185 -6.36 18.29 -3.28
N GLY A 186 -6.69 17.00 -3.21
CA GLY A 186 -5.84 15.98 -3.77
C GLY A 186 -6.63 15.48 -4.97
N ASP A 187 -7.57 16.30 -5.43
CA ASP A 187 -8.41 15.95 -6.56
C ASP A 187 -8.64 17.12 -7.54
N ASP A 188 -7.90 17.11 -8.64
CA ASP A 188 -7.98 18.16 -9.66
C ASP A 188 -9.41 18.47 -10.11
N GLU A 189 -10.16 17.42 -10.47
CA GLU A 189 -11.54 17.56 -10.93
C GLU A 189 -12.43 18.48 -10.09
N THR A 190 -12.34 18.34 -8.76
CA THR A 190 -13.16 19.15 -7.86
C THR A 190 -12.37 20.18 -7.07
N ALA A 191 -11.10 20.32 -7.36
CA ALA A 191 -10.28 21.29 -6.66
C ALA A 191 -10.87 22.69 -6.77
N TRP A 192 -11.00 23.19 -8.00
CA TRP A 192 -11.51 24.54 -8.23
C TRP A 192 -12.64 24.89 -7.26
N GLU A 193 -13.46 23.89 -7.00
CA GLU A 193 -14.61 24.01 -6.13
C GLU A 193 -14.26 24.00 -4.64
N LEU A 194 -13.40 23.07 -4.24
CA LEU A 194 -13.00 22.92 -2.85
C LEU A 194 -12.37 24.21 -2.42
N MET A 195 -11.62 24.79 -3.34
CA MET A 195 -10.95 26.05 -3.05
C MET A 195 -11.96 27.17 -2.87
N LEU A 196 -13.02 27.18 -3.67
CA LEU A 196 -14.05 28.21 -3.54
C LEU A 196 -14.66 28.07 -2.14
N LEU A 197 -14.58 26.88 -1.57
CA LEU A 197 -15.16 26.62 -0.26
C LEU A 197 -14.22 26.80 0.94
N GLY A 198 -13.02 27.35 0.72
CA GLY A 198 -12.09 27.56 1.81
C GLY A 198 -10.71 26.91 1.71
N ALA A 199 -10.57 25.90 0.85
CA ALA A 199 -9.29 25.19 0.67
C ALA A 199 -8.14 26.11 0.27
N ASP A 200 -6.95 25.78 0.78
CA ASP A 200 -5.73 26.56 0.56
C ASP A 200 -4.97 26.31 -0.75
N GLY A 201 -5.55 25.50 -1.63
CA GLY A 201 -4.88 25.23 -2.89
C GLY A 201 -5.02 23.79 -3.33
N ASN A 202 -4.45 23.47 -4.49
CA ASN A 202 -4.49 22.13 -5.05
C ASN A 202 -3.12 21.46 -5.17
N ILE A 203 -2.99 20.21 -4.72
CA ILE A 203 -1.74 19.53 -4.96
C ILE A 203 -2.19 18.79 -6.20
N SER A 204 -1.85 19.40 -7.33
CA SER A 204 -2.31 19.00 -8.63
C SER A 204 -1.50 18.15 -9.58
N VAL A 205 -2.19 17.24 -10.23
CA VAL A 205 -1.55 16.41 -11.23
C VAL A 205 -1.59 17.25 -12.51
N THR A 206 -2.77 17.75 -12.86
CA THR A 206 -2.90 18.55 -14.08
C THR A 206 -1.88 19.70 -14.19
N ALA A 207 -1.40 20.19 -13.05
CA ALA A 207 -0.43 21.26 -13.07
C ALA A 207 0.89 20.80 -13.69
N ASN A 208 1.04 19.49 -13.89
CA ASN A 208 2.25 18.97 -14.52
C ASN A 208 2.34 19.40 -15.98
N ILE A 209 1.19 19.43 -16.64
CA ILE A 209 1.13 19.75 -18.06
C ILE A 209 0.46 21.08 -18.37
N ALA A 210 -0.25 21.64 -17.39
CA ALA A 210 -0.92 22.93 -17.56
C ALA A 210 -0.68 23.73 -16.28
N PRO A 211 0.59 24.06 -16.00
CA PRO A 211 0.94 24.82 -14.79
C PRO A 211 0.35 26.22 -14.68
N LYS A 212 0.44 26.98 -15.77
CA LYS A 212 -0.07 28.35 -15.79
C LYS A 212 -1.57 28.32 -15.57
N ALA A 213 -2.25 27.48 -16.34
CA ALA A 213 -3.71 27.35 -16.25
C ALA A 213 -4.20 27.02 -14.83
N MET A 214 -3.55 26.06 -14.18
CA MET A 214 -3.94 25.66 -12.83
C MET A 214 -3.62 26.78 -11.84
N SER A 215 -2.48 27.42 -12.07
CA SER A 215 -2.03 28.54 -11.26
C SER A 215 -3.09 29.60 -11.30
N GLU A 216 -3.58 29.87 -12.51
CA GLU A 216 -4.63 30.85 -12.69
C GLU A 216 -5.86 30.42 -11.89
N VAL A 217 -6.30 29.18 -12.13
CA VAL A 217 -7.46 28.65 -11.45
C VAL A 217 -7.37 28.69 -9.92
N CYS A 218 -6.20 28.34 -9.39
CA CYS A 218 -6.01 28.33 -7.95
C CYS A 218 -6.24 29.72 -7.38
N ALA A 219 -5.52 30.69 -7.91
CA ALA A 219 -5.64 32.07 -7.48
C ALA A 219 -7.08 32.56 -7.46
N VAL A 220 -7.76 32.53 -8.61
CA VAL A 220 -9.11 33.05 -8.64
C VAL A 220 -10.10 32.37 -7.70
N ALA A 221 -9.89 31.08 -7.40
CA ALA A 221 -10.79 30.37 -6.49
C ALA A 221 -10.45 30.69 -5.03
N ILE A 222 -9.18 31.01 -4.82
CA ILE A 222 -8.70 31.42 -3.50
C ILE A 222 -9.18 32.85 -3.26
N ALA A 223 -9.42 33.56 -4.35
CA ALA A 223 -9.97 34.92 -4.27
C ALA A 223 -11.48 34.81 -4.09
N LYS A 224 -11.99 33.58 -4.21
CA LYS A 224 -13.40 33.28 -4.06
C LYS A 224 -14.27 33.80 -5.22
N ASP A 225 -13.62 34.02 -6.36
CA ASP A 225 -14.30 34.50 -7.56
C ASP A 225 -14.91 33.29 -8.27
N GLU A 226 -16.10 32.92 -7.82
CA GLU A 226 -16.88 31.80 -8.32
C GLU A 226 -16.94 31.57 -9.83
N GLN A 227 -17.49 32.52 -10.57
CA GLN A 227 -17.62 32.35 -12.01
C GLN A 227 -16.28 32.16 -12.71
N GLN A 228 -15.29 32.98 -12.33
CA GLN A 228 -13.96 32.89 -12.91
C GLN A 228 -13.35 31.52 -12.68
N ALA A 229 -13.44 31.02 -11.46
CA ALA A 229 -12.89 29.71 -11.12
C ALA A 229 -13.48 28.67 -12.07
N LYS A 230 -14.80 28.75 -12.21
CA LYS A 230 -15.61 27.87 -13.03
C LYS A 230 -15.28 27.97 -14.52
N THR A 231 -15.22 29.20 -14.99
CA THR A 231 -14.93 29.46 -16.38
C THR A 231 -13.52 29.03 -16.75
N LEU A 232 -12.56 29.24 -15.86
CA LEU A 232 -11.20 28.84 -16.18
C LEU A 232 -11.05 27.34 -16.05
N ASN A 233 -11.67 26.74 -15.02
CA ASN A 233 -11.58 25.29 -14.83
C ASN A 233 -11.98 24.59 -16.13
N ASN A 234 -13.11 25.03 -16.69
CA ASN A 234 -13.61 24.48 -17.94
C ASN A 234 -12.56 24.30 -19.03
N LYS A 235 -11.65 25.26 -19.13
CA LYS A 235 -10.62 25.15 -20.15
C LYS A 235 -9.90 23.82 -20.03
N ILE A 236 -9.77 23.36 -18.79
CA ILE A 236 -9.01 22.15 -18.48
C ILE A 236 -9.74 21.06 -17.76
N ALA A 237 -11.02 21.26 -17.53
CA ALA A 237 -11.84 20.31 -16.79
C ALA A 237 -11.91 18.90 -17.37
N ASN A 238 -11.58 18.77 -18.65
CA ASN A 238 -11.60 17.50 -19.36
C ASN A 238 -10.22 16.84 -19.20
N LEU A 239 -9.19 17.64 -18.96
CA LEU A 239 -7.85 17.10 -18.73
C LEU A 239 -7.85 16.39 -17.36
N HIS A 240 -8.76 16.78 -16.47
CA HIS A 240 -8.83 16.15 -15.14
C HIS A 240 -9.33 14.71 -15.21
N ASN A 241 -9.96 14.33 -16.33
CA ASN A 241 -10.47 12.97 -16.47
C ASN A 241 -9.50 12.10 -17.26
N ILE A 242 -8.85 12.69 -18.25
CA ILE A 242 -7.93 11.97 -19.11
C ILE A 242 -6.62 11.59 -18.42
N LEU A 243 -6.22 12.36 -17.42
CA LEU A 243 -4.94 12.08 -16.74
C LEU A 243 -5.02 10.89 -15.80
N PHE A 244 -6.21 10.36 -15.64
CA PHE A 244 -6.42 9.21 -14.77
C PHE A 244 -7.08 8.06 -15.53
N CYS A 245 -7.01 8.05 -16.87
CA CYS A 245 -7.62 6.96 -17.63
C CYS A 245 -6.91 5.64 -17.28
N GLU A 246 -5.76 5.79 -16.63
CA GLU A 246 -4.98 4.68 -16.09
C GLU A 246 -4.39 5.23 -14.79
N SER A 247 -3.84 4.34 -13.97
CA SER A 247 -3.30 4.76 -12.68
C SER A 247 -2.20 5.83 -12.70
N ASN A 248 -2.55 6.98 -12.13
CA ASN A 248 -1.63 8.10 -12.00
C ASN A 248 -0.39 7.58 -11.31
N PRO A 249 0.80 7.99 -11.78
CA PRO A 249 1.10 8.90 -12.89
C PRO A 249 1.23 8.29 -14.29
N ILE A 250 0.53 7.25 -14.62
CA ILE A 250 0.73 6.71 -15.92
C ILE A 250 0.37 7.64 -17.05
N PRO A 251 -0.85 8.11 -17.09
CA PRO A 251 -1.21 9.09 -18.13
C PRO A 251 -0.35 10.37 -18.13
N VAL A 252 -0.24 11.02 -16.98
CA VAL A 252 0.52 12.28 -16.92
C VAL A 252 1.93 12.18 -17.49
N LYS A 253 2.69 11.16 -17.11
CA LYS A 253 4.06 11.00 -17.63
C LYS A 253 4.07 10.85 -19.15
N TRP A 254 2.96 10.38 -19.71
CA TRP A 254 2.91 10.25 -21.14
C TRP A 254 2.80 11.67 -21.65
N ALA A 255 1.71 12.33 -21.26
CA ALA A 255 1.46 13.70 -21.69
C ALA A 255 2.76 14.53 -21.73
N LEU A 256 3.49 14.56 -20.62
CA LEU A 256 4.73 15.30 -20.58
C LEU A 256 5.66 14.90 -21.73
N HIS A 257 5.72 13.60 -22.03
CA HIS A 257 6.54 13.10 -23.13
C HIS A 257 5.93 13.55 -24.47
N GLU A 258 4.60 13.50 -24.56
CA GLU A 258 3.95 13.95 -25.79
C GLU A 258 4.28 15.42 -25.96
N MET A 259 4.45 16.12 -24.84
CA MET A 259 4.80 17.54 -24.86
C MET A 259 6.31 17.67 -25.08
N GLY A 260 6.96 16.55 -25.42
CA GLY A 260 8.39 16.58 -25.66
C GLY A 260 9.23 17.17 -24.55
N LEU A 261 8.81 16.96 -23.30
CA LEU A 261 9.53 17.45 -22.13
C LEU A 261 10.35 16.37 -21.42
N ILE A 262 9.84 15.13 -21.37
CA ILE A 262 10.58 14.04 -20.69
C ILE A 262 10.62 12.78 -21.55
N ASP A 263 11.47 11.83 -21.18
CA ASP A 263 11.51 10.57 -21.94
C ASP A 263 10.46 9.62 -21.39
N THR A 264 10.34 8.44 -22.01
CA THR A 264 9.34 7.44 -21.62
C THR A 264 9.56 6.71 -20.30
N GLY A 265 10.56 7.13 -19.56
CA GLY A 265 10.84 6.46 -18.30
C GLY A 265 9.73 6.35 -17.26
N ILE A 266 9.55 5.12 -16.80
CA ILE A 266 8.59 4.76 -15.76
C ILE A 266 8.92 3.36 -15.24
N ARG A 267 8.89 3.20 -13.91
CA ARG A 267 9.28 1.95 -13.27
C ARG A 267 8.20 0.91 -12.99
N LEU A 268 8.55 -0.37 -13.13
CA LEU A 268 7.60 -1.43 -12.86
C LEU A 268 7.41 -1.46 -11.33
N PRO A 269 6.23 -1.89 -10.87
CA PRO A 269 5.06 -2.34 -11.60
C PRO A 269 4.31 -1.40 -12.54
N LEU A 270 4.65 -0.12 -12.61
CA LEU A 270 3.91 0.75 -13.52
C LEU A 270 4.44 0.62 -14.94
N THR A 271 3.65 1.08 -15.91
CA THR A 271 4.05 0.93 -17.32
C THR A 271 3.75 2.15 -18.18
N PRO A 272 4.23 2.14 -19.45
CA PRO A 272 3.94 3.28 -20.31
C PRO A 272 2.45 3.23 -20.56
N LEU A 273 1.85 4.38 -20.82
CA LEU A 273 0.42 4.44 -21.06
C LEU A 273 0.01 3.45 -22.17
N ALA A 274 -1.06 2.68 -21.91
CA ALA A 274 -1.54 1.71 -22.88
C ALA A 274 -1.91 2.41 -24.19
N GLU A 275 -1.41 1.88 -25.30
CA GLU A 275 -1.67 2.43 -26.64
C GLU A 275 -3.10 2.88 -26.92
N GLN A 276 -4.06 2.18 -26.33
CA GLN A 276 -5.46 2.49 -26.56
C GLN A 276 -5.90 3.82 -25.96
N TYR A 277 -4.99 4.50 -25.26
CA TYR A 277 -5.33 5.79 -24.66
C TYR A 277 -4.44 6.91 -25.18
N ARG A 278 -3.50 6.58 -26.06
CA ARG A 278 -2.59 7.60 -26.57
C ARG A 278 -3.21 8.70 -27.42
N GLU A 279 -3.90 8.35 -28.51
CA GLU A 279 -4.52 9.38 -29.33
C GLU A 279 -5.51 10.20 -28.49
N PRO A 280 -6.44 9.53 -27.77
CA PRO A 280 -7.44 10.21 -26.93
C PRO A 280 -6.87 11.34 -26.08
N LEU A 281 -5.73 11.06 -25.47
CA LEU A 281 -5.06 12.04 -24.63
C LEU A 281 -4.48 13.16 -25.49
N ARG A 282 -3.79 12.79 -26.56
CA ARG A 282 -3.19 13.77 -27.47
C ARG A 282 -4.22 14.81 -27.90
N ASN A 283 -5.39 14.33 -28.31
CA ASN A 283 -6.45 15.19 -28.77
C ASN A 283 -7.08 15.99 -27.62
N ALA A 284 -7.02 15.47 -26.40
CA ALA A 284 -7.54 16.19 -25.25
C ALA A 284 -6.53 17.30 -24.97
N LEU A 285 -5.25 16.98 -25.17
CA LEU A 285 -4.20 17.97 -24.99
C LEU A 285 -4.39 19.02 -26.07
N LYS A 286 -4.35 18.60 -27.33
CA LYS A 286 -4.54 19.55 -28.43
C LYS A 286 -5.74 20.48 -28.19
N ASP A 287 -6.86 19.90 -27.78
CA ASP A 287 -8.06 20.67 -27.49
C ASP A 287 -7.73 21.78 -26.50
N ALA A 288 -7.13 21.37 -25.38
CA ALA A 288 -6.74 22.30 -24.34
C ALA A 288 -5.74 23.34 -24.85
N GLY A 289 -5.14 23.06 -26.00
CA GLY A 289 -4.18 23.98 -26.57
C GLY A 289 -2.78 23.86 -25.98
N ILE A 290 -2.50 22.72 -25.37
CA ILE A 290 -1.21 22.45 -24.76
C ILE A 290 -0.22 22.01 -25.85
N ILE A 291 -0.71 21.24 -26.83
CA ILE A 291 0.14 20.85 -27.96
C ILE A 291 -0.61 21.19 -29.24
N THR B 1 1.41 -28.81 -5.00
CA THR B 1 2.28 -29.57 -4.07
C THR B 1 2.08 -29.14 -2.61
N ILE B 2 2.54 -27.95 -2.23
CA ILE B 2 2.32 -27.48 -0.87
C ILE B 2 0.83 -27.46 -0.54
N GLN B 3 0.41 -28.31 0.40
CA GLN B 3 -1.01 -28.41 0.73
C GLN B 3 -1.25 -28.31 2.22
N GLY B 4 -2.53 -28.27 2.59
CA GLY B 4 -2.90 -28.26 3.99
C GLY B 4 -3.11 -26.91 4.67
N SER B 5 -2.85 -26.89 5.97
CA SER B 5 -2.98 -25.70 6.78
C SER B 5 -1.63 -24.99 6.77
N ILE B 6 -1.55 -23.86 6.06
CA ILE B 6 -0.32 -23.10 6.00
C ILE B 6 -0.48 -21.79 6.76
N VAL B 7 -0.03 -21.78 8.01
CA VAL B 7 -0.24 -20.61 8.86
C VAL B 7 0.60 -19.40 8.46
N ALA B 8 -0.05 -18.25 8.37
CA ALA B 8 0.66 -17.02 8.08
C ALA B 8 1.05 -16.57 9.49
N ILE B 9 2.28 -16.89 9.86
CA ILE B 9 2.80 -16.64 11.18
C ILE B 9 3.07 -15.18 11.52
N VAL B 10 2.74 -14.83 12.77
CA VAL B 10 2.97 -13.49 13.27
C VAL B 10 4.45 -13.44 13.57
N THR B 11 4.96 -12.23 13.76
CA THR B 11 6.34 -12.05 14.12
C THR B 11 6.25 -11.55 15.56
N PRO B 12 6.36 -12.47 16.54
CA PRO B 12 6.27 -12.10 17.95
C PRO B 12 7.23 -10.94 18.23
N MET B 13 6.87 -10.05 19.13
CA MET B 13 7.72 -8.92 19.46
C MET B 13 7.67 -8.58 20.95
N LEU B 14 8.64 -7.79 21.37
CA LEU B 14 8.75 -7.35 22.77
C LEU B 14 7.98 -6.04 22.93
N LYS B 15 7.78 -5.62 24.18
CA LYS B 15 7.04 -4.38 24.43
C LYS B 15 7.69 -3.21 23.69
N ASP B 16 8.99 -3.29 23.41
CA ASP B 16 9.62 -2.17 22.74
C ASP B 16 9.54 -2.26 21.21
N GLY B 17 9.13 -3.40 20.69
CA GLY B 17 9.03 -3.50 19.24
C GLY B 17 10.13 -4.29 18.56
N GLY B 18 11.02 -4.89 19.34
CA GLY B 18 12.07 -5.70 18.76
C GLY B 18 11.51 -7.09 18.56
N VAL B 19 11.95 -7.79 17.51
CA VAL B 19 11.46 -9.13 17.26
C VAL B 19 11.76 -10.00 18.49
N ASP B 20 10.85 -10.91 18.81
CA ASP B 20 11.04 -11.79 19.97
C ASP B 20 11.36 -13.19 19.46
N TRP B 21 12.67 -13.42 19.33
CA TRP B 21 13.23 -14.65 18.80
C TRP B 21 12.96 -15.95 19.55
N LYS B 22 13.06 -15.90 20.88
CA LYS B 22 12.80 -17.06 21.72
C LYS B 22 11.35 -17.47 21.55
N SER B 23 10.46 -16.48 21.50
CA SER B 23 9.06 -16.72 21.26
C SER B 23 8.74 -17.07 19.82
N LEU B 24 9.56 -16.64 18.86
CA LEU B 24 9.32 -17.00 17.45
C LEU B 24 9.61 -18.50 17.33
N GLU B 25 10.79 -18.91 17.79
CA GLU B 25 11.21 -20.31 17.76
C GLU B 25 10.15 -21.28 18.33
N LYS B 26 9.74 -21.02 19.57
CA LYS B 26 8.74 -21.83 20.26
C LYS B 26 7.48 -21.99 19.42
N LEU B 27 7.09 -20.93 18.72
CA LEU B 27 5.89 -20.96 17.88
C LEU B 27 6.06 -21.86 16.67
N VAL B 28 7.27 -21.95 16.14
CA VAL B 28 7.46 -22.82 15.00
C VAL B 28 7.39 -24.29 15.46
N GLU B 29 8.05 -24.61 16.58
CA GLU B 29 8.00 -25.99 17.10
C GLU B 29 6.55 -26.37 17.35
N TRP B 30 5.82 -25.43 17.93
CA TRP B 30 4.45 -25.66 18.28
C TRP B 30 3.52 -25.88 17.08
N HIS B 31 3.84 -25.27 15.94
CA HIS B 31 3.00 -25.48 14.77
C HIS B 31 3.32 -26.84 14.17
N ILE B 32 4.60 -27.14 14.07
CA ILE B 32 5.04 -28.42 13.54
C ILE B 32 4.46 -29.54 14.42
N GLU B 33 4.47 -29.33 15.72
CA GLU B 33 3.95 -30.29 16.69
C GLU B 33 2.48 -30.50 16.41
N GLN B 34 1.75 -29.40 16.45
CA GLN B 34 0.32 -29.35 16.28
C GLN B 34 -0.26 -29.81 14.95
N GLY B 35 0.57 -29.94 13.93
CA GLY B 35 0.05 -30.41 12.65
C GLY B 35 -0.01 -29.41 11.53
N THR B 36 0.53 -28.21 11.76
CA THR B 36 0.55 -27.19 10.72
C THR B 36 1.42 -27.78 9.60
N ASN B 37 0.92 -27.69 8.37
CA ASN B 37 1.60 -28.25 7.21
C ASN B 37 2.66 -27.41 6.52
N SER B 38 2.72 -26.12 6.84
CA SER B 38 3.70 -25.20 6.25
C SER B 38 3.63 -23.82 6.94
N ILE B 39 4.53 -22.92 6.60
CA ILE B 39 4.54 -21.60 7.24
C ILE B 39 4.99 -20.47 6.32
N VAL B 40 4.28 -19.34 6.38
CA VAL B 40 4.67 -18.16 5.64
C VAL B 40 5.43 -17.32 6.64
N ALA B 41 6.71 -17.15 6.38
CA ALA B 41 7.52 -16.32 7.24
C ALA B 41 7.40 -14.90 6.68
N VAL B 42 7.02 -13.98 7.56
CA VAL B 42 6.89 -12.58 7.20
C VAL B 42 5.88 -12.28 6.10
N GLY B 43 4.62 -12.53 6.41
CA GLY B 43 3.55 -12.24 5.46
C GLY B 43 2.89 -11.02 6.08
N THR B 44 1.68 -10.68 5.62
CA THR B 44 0.98 -9.53 6.18
C THR B 44 0.88 -9.67 7.71
N THR B 45 0.45 -10.86 8.15
CA THR B 45 0.32 -11.15 9.56
C THR B 45 1.66 -11.03 10.29
N GLY B 46 2.75 -11.15 9.54
CA GLY B 46 4.08 -11.08 10.12
C GLY B 46 4.65 -9.68 10.18
N GLU B 47 3.80 -8.69 9.95
CA GLU B 47 4.19 -7.28 9.98
C GLU B 47 5.33 -6.97 9.04
N ALA B 48 5.29 -7.59 7.86
CA ALA B 48 6.30 -7.38 6.82
C ALA B 48 6.61 -5.89 6.62
N SER B 49 5.55 -5.09 6.53
CA SER B 49 5.65 -3.65 6.33
C SER B 49 6.48 -2.90 7.36
N THR B 50 6.41 -3.34 8.62
CA THR B 50 7.14 -2.65 9.67
C THR B 50 8.49 -3.29 9.99
N LEU B 51 8.84 -4.33 9.25
CA LEU B 51 10.12 -5.00 9.46
C LEU B 51 11.09 -4.54 8.39
N SER B 52 12.34 -4.31 8.79
CA SER B 52 13.41 -3.86 7.89
C SER B 52 13.85 -5.06 7.06
N MET B 53 14.56 -4.81 5.95
CA MET B 53 15.04 -5.90 5.11
C MET B 53 15.88 -6.89 5.92
N GLU B 54 16.64 -6.38 6.89
CA GLU B 54 17.47 -7.25 7.71
C GLU B 54 16.58 -8.11 8.62
N GLU B 55 15.54 -7.52 9.20
CA GLU B 55 14.67 -8.31 10.06
C GLU B 55 13.90 -9.36 9.26
N HIS B 56 13.48 -8.95 8.06
CA HIS B 56 12.76 -9.81 7.11
C HIS B 56 13.58 -11.09 6.93
N THR B 57 14.86 -10.90 6.61
CA THR B 57 15.81 -11.98 6.37
C THR B 57 16.11 -12.82 7.62
N GLN B 58 16.35 -12.14 8.75
CA GLN B 58 16.65 -12.80 10.02
C GLN B 58 15.55 -13.76 10.41
N VAL B 59 14.32 -13.28 10.25
CA VAL B 59 13.13 -14.05 10.55
C VAL B 59 12.99 -15.23 9.57
N ILE B 60 13.12 -14.94 8.27
CA ILE B 60 13.06 -15.99 7.26
C ILE B 60 14.08 -17.07 7.61
N LYS B 61 15.28 -16.64 7.95
CA LYS B 61 16.35 -17.54 8.38
C LYS B 61 15.96 -18.36 9.63
N GLU B 62 15.62 -17.68 10.71
CA GLU B 62 15.24 -18.35 11.96
C GLU B 62 14.14 -19.41 11.82
N ILE B 63 13.08 -19.04 11.10
CA ILE B 63 11.98 -19.95 10.84
C ILE B 63 12.46 -21.17 10.07
N ILE B 64 13.42 -20.96 9.18
CA ILE B 64 13.99 -22.04 8.39
C ILE B 64 14.98 -22.84 9.24
N ARG B 65 15.65 -22.15 10.16
CA ARG B 65 16.59 -22.81 11.06
C ARG B 65 15.88 -23.66 12.10
N VAL B 66 14.75 -23.19 12.62
CA VAL B 66 14.03 -23.96 13.62
C VAL B 66 13.15 -25.03 12.96
N ALA B 67 12.69 -24.78 11.74
CA ALA B 67 11.88 -25.76 11.03
C ALA B 67 12.72 -27.00 10.77
N ASN B 68 13.98 -26.76 10.43
CA ASN B 68 14.93 -27.82 10.12
C ASN B 68 14.34 -28.77 9.08
N LYS B 69 14.01 -28.22 7.93
CA LYS B 69 13.46 -28.98 6.81
C LYS B 69 12.37 -29.99 7.19
N ARG B 70 11.68 -29.73 8.30
CA ARG B 70 10.60 -30.62 8.76
C ARG B 70 9.27 -30.36 8.03
N ILE B 71 9.00 -29.12 7.66
CA ILE B 71 7.81 -28.76 6.89
C ILE B 71 8.17 -27.56 6.03
N PRO B 72 7.59 -27.45 4.83
CA PRO B 72 8.07 -26.37 3.95
C PRO B 72 7.82 -24.91 4.38
N ILE B 73 8.80 -24.07 4.11
CA ILE B 73 8.73 -22.65 4.47
C ILE B 73 8.52 -21.74 3.26
N ILE B 74 7.42 -21.00 3.28
CA ILE B 74 7.11 -20.03 2.24
C ILE B 74 7.50 -18.64 2.71
N ALA B 75 8.42 -18.01 1.99
CA ALA B 75 8.94 -16.70 2.38
C ALA B 75 8.17 -15.51 1.83
N GLY B 76 7.73 -14.63 2.74
CA GLY B 76 7.00 -13.43 2.34
C GLY B 76 7.96 -12.44 1.68
N THR B 77 7.81 -12.23 0.38
CA THR B 77 8.72 -11.34 -0.33
C THR B 77 8.07 -10.30 -1.24
N GLY B 78 6.86 -9.89 -0.91
CA GLY B 78 6.20 -8.89 -1.74
C GLY B 78 6.77 -7.50 -1.52
N ALA B 79 6.52 -6.63 -2.50
CA ALA B 79 6.94 -5.24 -2.49
C ALA B 79 6.12 -4.57 -3.59
N ASN B 80 5.95 -3.26 -3.49
CA ASN B 80 5.23 -2.52 -4.50
C ASN B 80 6.16 -1.99 -5.58
N SER B 81 7.36 -2.53 -5.59
CA SER B 81 8.42 -2.16 -6.52
C SER B 81 8.87 -3.50 -7.08
N THR B 82 8.98 -3.61 -8.40
CA THR B 82 9.40 -4.87 -9.01
C THR B 82 10.83 -5.18 -8.56
N ARG B 83 11.71 -4.20 -8.73
CA ARG B 83 13.11 -4.31 -8.35
C ARG B 83 13.17 -4.81 -6.89
N GLU B 84 12.62 -4.02 -5.97
CA GLU B 84 12.60 -4.38 -4.54
C GLU B 84 12.14 -5.83 -4.36
N ALA B 85 11.12 -6.23 -5.10
CA ALA B 85 10.57 -7.59 -4.99
C ALA B 85 11.62 -8.64 -5.38
N ILE B 86 12.38 -8.35 -6.43
CA ILE B 86 13.43 -9.25 -6.89
C ILE B 86 14.49 -9.44 -5.80
N GLU B 87 14.81 -8.35 -5.11
CA GLU B 87 15.80 -8.39 -4.03
C GLU B 87 15.37 -9.24 -2.83
N LEU B 88 14.10 -9.18 -2.44
CA LEU B 88 13.67 -9.98 -1.30
C LEU B 88 13.51 -11.45 -1.69
N THR B 89 13.00 -11.69 -2.90
CA THR B 89 12.78 -13.07 -3.38
C THR B 89 14.09 -13.84 -3.62
N LYS B 90 15.13 -13.15 -4.05
CA LYS B 90 16.42 -13.81 -4.25
C LYS B 90 16.96 -14.08 -2.85
N ALA B 91 16.97 -13.06 -2.00
CA ALA B 91 17.43 -13.21 -0.62
C ALA B 91 16.76 -14.46 -0.05
N ALA B 92 15.45 -14.56 -0.26
CA ALA B 92 14.69 -15.70 0.22
C ALA B 92 15.27 -17.01 -0.33
N LYS B 93 15.40 -17.09 -1.66
CA LYS B 93 15.95 -18.28 -2.32
C LYS B 93 17.28 -18.64 -1.70
N ASP B 94 18.16 -17.65 -1.57
CA ASP B 94 19.47 -17.89 -0.99
C ASP B 94 19.34 -18.46 0.43
N LEU B 95 18.37 -17.96 1.19
CA LEU B 95 18.18 -18.44 2.56
C LEU B 95 17.63 -19.86 2.65
N GLY B 96 17.33 -20.45 1.50
CA GLY B 96 16.81 -21.81 1.48
C GLY B 96 15.30 -21.94 1.61
N ALA B 97 14.57 -20.95 1.10
CA ALA B 97 13.11 -21.01 1.18
C ALA B 97 12.50 -21.96 0.15
N ASP B 98 11.40 -22.59 0.53
CA ASP B 98 10.72 -23.52 -0.35
C ASP B 98 9.91 -22.78 -1.41
N ALA B 99 9.35 -21.63 -1.02
CA ALA B 99 8.59 -20.83 -1.96
C ALA B 99 8.47 -19.38 -1.48
N ALA B 100 8.01 -18.51 -2.36
CA ALA B 100 7.83 -17.11 -2.01
C ALA B 100 6.38 -16.68 -2.21
N LEU B 101 5.91 -15.77 -1.37
CA LEU B 101 4.55 -15.25 -1.47
C LEU B 101 4.64 -13.74 -1.69
N LEU B 102 4.25 -13.30 -2.89
CA LEU B 102 4.30 -11.88 -3.25
C LEU B 102 2.94 -11.20 -3.49
N VAL B 103 2.47 -10.46 -2.49
CA VAL B 103 1.22 -9.72 -2.62
C VAL B 103 1.33 -8.81 -3.87
N THR B 104 0.19 -8.41 -4.44
CA THR B 104 0.21 -7.52 -5.61
C THR B 104 0.66 -6.13 -5.19
N PRO B 105 1.54 -5.48 -5.98
CA PRO B 105 1.98 -4.14 -5.60
C PRO B 105 0.82 -3.31 -5.04
N TYR B 106 0.96 -2.84 -3.81
CA TYR B 106 -0.07 -2.02 -3.18
C TYR B 106 0.21 -0.52 -3.34
N TYR B 107 -0.86 0.27 -3.30
CA TYR B 107 -0.79 1.73 -3.37
C TYR B 107 -0.39 2.42 -4.68
N ASN B 108 0.54 1.87 -5.44
CA ASN B 108 0.85 2.53 -6.72
C ASN B 108 -0.13 2.10 -7.81
N LYS B 109 -1.12 1.28 -7.45
CA LYS B 109 -2.20 0.83 -8.35
C LYS B 109 -1.82 0.45 -9.80
N PRO B 110 -0.95 -0.54 -9.99
CA PRO B 110 -0.56 -0.90 -11.37
C PRO B 110 -1.66 -1.41 -12.28
N THR B 111 -1.46 -1.27 -13.60
CA THR B 111 -2.46 -1.78 -14.55
C THR B 111 -2.42 -3.30 -14.50
N GLN B 112 -3.40 -3.97 -15.11
CA GLN B 112 -3.36 -5.44 -15.13
C GLN B 112 -2.10 -5.89 -15.90
N GLU B 113 -1.72 -5.14 -16.94
CA GLU B 113 -0.52 -5.49 -17.73
C GLU B 113 0.74 -5.25 -16.91
N GLY B 114 0.67 -4.28 -16.01
CA GLY B 114 1.81 -3.99 -15.14
C GLY B 114 1.90 -5.14 -14.14
N LEU B 115 0.73 -5.62 -13.71
CA LEU B 115 0.67 -6.73 -12.79
C LEU B 115 1.24 -7.97 -13.48
N TYR B 116 1.06 -8.05 -14.81
CA TYR B 116 1.61 -9.17 -15.55
C TYR B 116 3.12 -9.01 -15.66
N GLN B 117 3.58 -7.85 -16.12
CA GLN B 117 5.03 -7.63 -16.27
C GLN B 117 5.79 -7.76 -14.95
N HIS B 118 5.21 -7.23 -13.88
CA HIS B 118 5.80 -7.28 -12.55
C HIS B 118 6.16 -8.71 -12.16
N TYR B 119 5.18 -9.61 -12.16
CA TYR B 119 5.44 -10.99 -11.78
C TYR B 119 6.35 -11.74 -12.76
N LYS B 120 6.15 -11.56 -14.06
CA LYS B 120 6.99 -12.24 -15.03
C LYS B 120 8.46 -11.86 -14.74
N ALA B 121 8.73 -10.57 -14.66
CA ALA B 121 10.08 -10.13 -14.37
C ALA B 121 10.64 -10.87 -13.14
N ILE B 122 9.91 -10.83 -12.04
CA ILE B 122 10.33 -11.52 -10.82
C ILE B 122 10.55 -13.01 -11.06
N ALA B 123 9.67 -13.61 -11.86
CA ALA B 123 9.75 -15.04 -12.18
C ALA B 123 10.97 -15.40 -13.01
N GLU B 124 11.37 -14.50 -13.91
CA GLU B 124 12.52 -14.77 -14.76
C GLU B 124 13.87 -14.40 -14.16
N ALA B 125 13.85 -13.83 -12.95
CA ALA B 125 15.09 -13.38 -12.33
C ALA B 125 15.61 -14.23 -11.20
N VAL B 126 14.69 -14.85 -10.48
CA VAL B 126 15.00 -15.68 -9.34
C VAL B 126 14.31 -16.99 -9.66
N GLU B 127 15.03 -18.09 -9.61
CA GLU B 127 14.39 -19.36 -9.92
C GLU B 127 13.84 -19.96 -8.64
N LEU B 128 12.63 -19.54 -8.28
CA LEU B 128 12.01 -20.03 -7.07
C LEU B 128 10.52 -20.18 -7.30
N PRO B 129 9.90 -21.10 -6.56
CA PRO B 129 8.46 -21.22 -6.77
C PRO B 129 7.82 -19.94 -6.22
N LEU B 130 6.90 -19.36 -6.99
CA LEU B 130 6.22 -18.12 -6.60
C LEU B 130 4.71 -18.27 -6.46
N ILE B 131 4.16 -17.76 -5.36
CA ILE B 131 2.71 -17.79 -5.14
C ILE B 131 2.17 -16.37 -5.05
N LEU B 132 1.35 -15.98 -6.01
CA LEU B 132 0.80 -14.61 -6.05
C LEU B 132 -0.19 -14.49 -4.89
N TYR B 133 -0.53 -13.25 -4.53
CA TYR B 133 -1.45 -12.96 -3.44
C TYR B 133 -2.29 -11.75 -3.85
N ASN B 134 -3.61 -11.96 -3.95
CA ASN B 134 -4.54 -10.88 -4.32
C ASN B 134 -5.40 -10.58 -3.11
N VAL B 135 -5.40 -9.33 -2.69
CA VAL B 135 -6.21 -8.89 -1.54
C VAL B 135 -6.45 -7.41 -1.84
N PRO B 136 -7.27 -7.15 -2.88
CA PRO B 136 -7.57 -5.78 -3.32
C PRO B 136 -7.85 -4.82 -2.19
N GLY B 137 -8.65 -5.27 -1.22
CA GLY B 137 -9.03 -4.44 -0.10
C GLY B 137 -7.89 -3.73 0.60
N ARG B 138 -6.73 -4.37 0.58
CA ARG B 138 -5.55 -3.83 1.20
C ARG B 138 -4.63 -3.13 0.22
N THR B 139 -4.53 -3.67 -0.99
CA THR B 139 -3.62 -3.16 -2.00
C THR B 139 -4.05 -1.97 -2.84
N GLY B 140 -5.34 -1.90 -3.16
CA GLY B 140 -5.80 -0.83 -3.99
C GLY B 140 -5.93 -1.36 -5.41
N VAL B 141 -5.47 -2.59 -5.62
CA VAL B 141 -5.59 -3.17 -6.95
C VAL B 141 -6.24 -4.55 -6.81
N ASP B 142 -6.66 -5.12 -7.92
CA ASP B 142 -7.30 -6.41 -7.93
C ASP B 142 -6.80 -7.23 -9.10
N LEU B 143 -6.00 -8.25 -8.80
CA LEU B 143 -5.50 -9.15 -9.83
C LEU B 143 -6.63 -9.99 -10.39
N SER B 144 -7.09 -9.64 -11.59
CA SER B 144 -8.23 -10.31 -12.20
C SER B 144 -7.97 -11.77 -12.44
N ASN B 145 -9.05 -12.54 -12.55
CA ASN B 145 -8.96 -13.98 -12.81
C ASN B 145 -8.17 -14.22 -14.08
N ASP B 146 -8.53 -13.51 -15.15
CA ASP B 146 -7.84 -13.66 -16.43
C ASP B 146 -6.36 -13.37 -16.31
N THR B 147 -5.99 -12.39 -15.49
CA THR B 147 -4.58 -12.07 -15.34
C THR B 147 -3.89 -13.25 -14.65
N ALA B 148 -4.54 -13.79 -13.63
CA ALA B 148 -3.99 -14.94 -12.92
C ALA B 148 -3.74 -16.08 -13.92
N VAL B 149 -4.70 -16.35 -14.81
CA VAL B 149 -4.52 -17.42 -15.79
C VAL B 149 -3.35 -17.16 -16.74
N ARG B 150 -3.15 -15.91 -17.15
CA ARG B 150 -2.04 -15.64 -18.06
C ARG B 150 -0.76 -16.01 -17.32
N LEU B 151 -0.69 -15.66 -16.04
CA LEU B 151 0.48 -15.93 -15.23
C LEU B 151 0.75 -17.39 -14.92
N ALA B 152 -0.30 -18.18 -14.66
CA ALA B 152 -0.09 -19.59 -14.39
C ALA B 152 0.72 -20.16 -15.57
N GLU B 153 0.73 -19.41 -16.67
CA GLU B 153 1.46 -19.81 -17.86
C GLU B 153 2.97 -19.62 -17.76
N ILE B 154 3.44 -19.16 -16.60
CA ILE B 154 4.88 -18.91 -16.42
C ILE B 154 5.63 -19.87 -15.50
N PRO B 155 6.72 -20.45 -16.02
CA PRO B 155 7.50 -21.35 -15.19
C PRO B 155 7.86 -20.55 -13.93
N ASN B 156 7.71 -21.17 -12.77
CA ASN B 156 7.99 -20.54 -11.48
C ASN B 156 6.74 -19.97 -10.80
N ILE B 157 5.69 -19.67 -11.57
CA ILE B 157 4.47 -19.19 -10.94
C ILE B 157 3.67 -20.47 -10.71
N VAL B 158 3.57 -20.81 -9.43
CA VAL B 158 2.96 -22.06 -9.00
C VAL B 158 1.62 -22.02 -8.27
N GLY B 159 1.17 -20.82 -7.92
CA GLY B 159 -0.12 -20.70 -7.24
C GLY B 159 -0.58 -19.27 -7.04
N ILE B 160 -1.70 -19.13 -6.33
CA ILE B 160 -2.25 -17.82 -6.04
C ILE B 160 -3.07 -17.86 -4.76
N LYS B 161 -2.70 -17.01 -3.80
CA LYS B 161 -3.38 -17.00 -2.51
C LYS B 161 -4.56 -16.09 -2.81
N ASP B 162 -5.78 -16.60 -2.69
CA ASP B 162 -6.97 -15.82 -2.99
C ASP B 162 -7.70 -15.38 -1.74
N ALA B 163 -7.62 -14.08 -1.43
CA ALA B 163 -8.25 -13.53 -0.23
C ALA B 163 -9.54 -12.75 -0.48
N THR B 164 -10.13 -12.89 -1.65
CA THR B 164 -11.38 -12.17 -1.95
C THR B 164 -12.56 -12.57 -1.06
N GLY B 165 -12.70 -13.86 -0.77
CA GLY B 165 -13.83 -14.29 0.03
C GLY B 165 -14.98 -14.52 -0.94
N ASP B 166 -14.80 -14.06 -2.17
CA ASP B 166 -15.77 -14.25 -3.23
C ASP B 166 -15.54 -15.70 -3.67
N VAL B 167 -16.39 -16.60 -3.17
CA VAL B 167 -16.26 -18.02 -3.44
C VAL B 167 -16.50 -18.46 -4.90
N PRO B 168 -17.63 -18.05 -5.50
CA PRO B 168 -17.90 -18.45 -6.89
C PRO B 168 -16.80 -17.91 -7.80
N ARG B 169 -16.24 -16.77 -7.41
CA ARG B 169 -15.16 -16.15 -8.16
C ARG B 169 -13.97 -17.10 -8.00
N GLY B 170 -13.69 -17.42 -6.74
CA GLY B 170 -12.60 -18.32 -6.46
C GLY B 170 -12.81 -19.60 -7.23
N LYS B 171 -14.06 -20.07 -7.29
CA LYS B 171 -14.38 -21.30 -8.00
C LYS B 171 -14.10 -21.17 -9.49
N ALA B 172 -14.55 -20.08 -10.09
CA ALA B 172 -14.32 -19.85 -11.51
C ALA B 172 -12.84 -20.03 -11.82
N LEU B 173 -12.02 -19.39 -11.01
CA LEU B 173 -10.58 -19.43 -11.15
C LEU B 173 -10.01 -20.85 -11.10
N ILE B 174 -10.35 -21.59 -10.05
CA ILE B 174 -9.85 -22.97 -9.91
C ILE B 174 -10.18 -23.77 -11.18
N ASP B 175 -11.41 -23.62 -11.67
CA ASP B 175 -11.86 -24.34 -12.86
C ASP B 175 -11.12 -23.94 -14.13
N ALA B 176 -11.04 -22.63 -14.37
CA ALA B 176 -10.35 -22.12 -15.55
C ALA B 176 -8.90 -22.63 -15.58
N LEU B 177 -8.30 -22.74 -14.40
CA LEU B 177 -6.92 -23.20 -14.28
C LEU B 177 -6.66 -24.65 -14.68
N ASN B 178 -7.60 -25.53 -14.33
CA ASN B 178 -7.46 -26.94 -14.64
C ASN B 178 -6.09 -27.43 -14.18
N GLY B 179 -5.79 -27.16 -12.90
CA GLY B 179 -4.56 -27.60 -12.26
C GLY B 179 -3.22 -27.04 -12.68
N LYS B 180 -3.23 -25.97 -13.48
CA LYS B 180 -1.98 -25.37 -13.95
C LYS B 180 -1.22 -24.72 -12.80
N MET B 181 -1.95 -24.17 -11.83
CA MET B 181 -1.32 -23.59 -10.66
C MET B 181 -2.25 -23.70 -9.48
N ALA B 182 -1.66 -23.80 -8.30
CA ALA B 182 -2.43 -23.93 -7.08
C ALA B 182 -3.21 -22.68 -6.74
N VAL B 183 -4.22 -22.86 -5.92
CA VAL B 183 -5.02 -21.76 -5.42
C VAL B 183 -5.12 -22.08 -3.95
N TYR B 184 -5.03 -21.06 -3.10
CA TYR B 184 -5.18 -21.26 -1.66
C TYR B 184 -6.09 -20.15 -1.23
N SER B 185 -6.82 -20.38 -0.15
CA SER B 185 -7.70 -19.35 0.36
C SER B 185 -6.90 -18.40 1.24
N GLY B 186 -7.25 -17.12 1.14
CA GLY B 186 -6.64 -16.09 1.95
C GLY B 186 -7.77 -15.49 2.76
N ASP B 187 -8.81 -16.28 2.98
CA ASP B 187 -10.00 -15.86 3.72
C ASP B 187 -10.47 -17.07 4.56
N ASP B 188 -10.13 -17.04 5.86
CA ASP B 188 -10.49 -18.12 6.79
C ASP B 188 -11.97 -18.40 6.86
N GLU B 189 -12.76 -17.35 6.75
CA GLU B 189 -14.19 -17.51 6.81
C GLU B 189 -14.71 -18.51 5.78
N THR B 190 -14.28 -18.35 4.53
CA THR B 190 -14.73 -19.22 3.44
C THR B 190 -13.69 -20.22 2.93
N ALA B 191 -12.63 -20.44 3.68
CA ALA B 191 -11.60 -21.36 3.24
C ALA B 191 -12.08 -22.80 3.10
N TRP B 192 -12.83 -23.28 4.08
CA TRP B 192 -13.32 -24.65 4.02
C TRP B 192 -14.11 -24.93 2.73
N GLU B 193 -14.87 -23.95 2.25
CA GLU B 193 -15.62 -24.13 1.01
C GLU B 193 -14.67 -24.16 -0.17
N LEU B 194 -13.80 -23.14 -0.23
CA LEU B 194 -12.85 -23.02 -1.33
C LEU B 194 -12.05 -24.29 -1.48
N MET B 195 -11.58 -24.85 -0.37
CA MET B 195 -10.83 -26.10 -0.44
C MET B 195 -11.79 -27.21 -0.87
N LEU B 196 -13.02 -27.19 -0.35
CA LEU B 196 -13.98 -28.20 -0.76
C LEU B 196 -14.25 -28.05 -2.24
N LEU B 197 -13.98 -26.85 -2.77
CA LEU B 197 -14.21 -26.62 -4.19
C LEU B 197 -12.92 -26.82 -4.96
N GLY B 198 -11.95 -27.48 -4.32
CA GLY B 198 -10.69 -27.77 -4.96
C GLY B 198 -9.49 -26.88 -4.72
N ALA B 199 -9.44 -26.17 -3.59
CA ALA B 199 -8.28 -25.34 -3.33
C ALA B 199 -7.26 -26.17 -2.56
N ASP B 200 -5.98 -25.88 -2.79
CA ASP B 200 -4.91 -26.63 -2.16
C ASP B 200 -4.59 -26.34 -0.69
N GLY B 201 -5.33 -25.42 -0.07
CA GLY B 201 -5.10 -25.12 1.33
C GLY B 201 -5.49 -23.70 1.71
N ASN B 202 -5.30 -23.38 3.00
CA ASN B 202 -5.61 -22.05 3.52
C ASN B 202 -4.37 -21.43 4.12
N ILE B 203 -4.06 -20.23 3.69
CA ILE B 203 -2.95 -19.51 4.21
C ILE B 203 -3.54 -18.74 5.31
N SER B 204 -3.81 -19.49 6.35
CA SER B 204 -4.57 -19.09 7.51
C SER B 204 -4.07 -18.15 8.58
N VAL B 205 -4.96 -17.30 9.06
CA VAL B 205 -4.61 -16.42 10.15
C VAL B 205 -5.04 -17.14 11.42
N THR B 206 -6.25 -17.71 11.41
CA THR B 206 -6.80 -18.45 12.55
C THR B 206 -5.86 -19.57 13.02
N ALA B 207 -5.14 -20.14 12.07
CA ALA B 207 -4.20 -21.23 12.34
C ALA B 207 -3.08 -20.84 13.32
N ASN B 208 -2.93 -19.55 13.63
CA ASN B 208 -1.92 -19.08 14.58
C ASN B 208 -2.33 -19.53 15.99
N ILE B 209 -3.63 -19.54 16.26
CA ILE B 209 -4.13 -19.88 17.58
C ILE B 209 -4.74 -21.27 17.69
N ALA B 210 -5.13 -21.85 16.55
CA ALA B 210 -5.78 -23.16 16.55
C ALA B 210 -5.23 -23.96 15.38
N PRO B 211 -3.92 -24.25 15.41
CA PRO B 211 -3.22 -25.00 14.37
C PRO B 211 -3.72 -26.44 14.13
N LYS B 212 -4.02 -27.16 15.19
CA LYS B 212 -4.52 -28.53 15.04
C LYS B 212 -5.86 -28.44 14.31
N ALA B 213 -6.84 -27.85 15.00
CA ALA B 213 -8.17 -27.68 14.46
C ALA B 213 -8.13 -27.35 12.97
N MET B 214 -7.42 -26.29 12.63
CA MET B 214 -7.32 -25.85 11.25
C MET B 214 -6.76 -26.88 10.28
N SER B 215 -5.62 -27.49 10.62
CA SER B 215 -5.04 -28.47 9.72
C SER B 215 -5.99 -29.65 9.58
N GLU B 216 -6.84 -29.83 10.58
CA GLU B 216 -7.81 -30.91 10.52
C GLU B 216 -8.92 -30.49 9.55
N VAL B 217 -9.31 -29.23 9.59
CA VAL B 217 -10.35 -28.71 8.70
C VAL B 217 -9.85 -28.73 7.26
N CYS B 218 -8.57 -28.40 7.10
CA CYS B 218 -7.95 -28.36 5.79
C CYS B 218 -7.89 -29.77 5.21
N ALA B 219 -7.33 -30.68 5.99
CA ALA B 219 -7.20 -32.06 5.56
C ALA B 219 -8.52 -32.58 4.99
N VAL B 220 -9.58 -32.53 5.80
CA VAL B 220 -10.88 -33.02 5.40
C VAL B 220 -11.58 -32.20 4.32
N ALA B 221 -11.18 -30.94 4.16
CA ALA B 221 -11.80 -30.11 3.13
C ALA B 221 -11.13 -30.43 1.78
N ILE B 222 -9.81 -30.64 1.81
CA ILE B 222 -9.08 -30.99 0.59
C ILE B 222 -9.44 -32.43 0.26
N ALA B 223 -9.84 -33.17 1.28
CA ALA B 223 -10.21 -34.58 1.12
C ALA B 223 -11.61 -34.71 0.51
N LYS B 224 -12.36 -33.62 0.51
CA LYS B 224 -13.71 -33.62 -0.04
C LYS B 224 -14.69 -34.43 0.82
N ASP B 225 -14.81 -34.04 2.08
CA ASP B 225 -15.76 -34.65 3.01
C ASP B 225 -16.52 -33.44 3.49
N GLU B 226 -17.53 -33.04 2.72
CA GLU B 226 -18.29 -31.85 3.05
C GLU B 226 -18.75 -31.73 4.49
N GLN B 227 -19.43 -32.74 5.02
CA GLN B 227 -19.93 -32.63 6.38
C GLN B 227 -18.90 -32.43 7.49
N GLN B 228 -17.74 -33.08 7.38
CA GLN B 228 -16.72 -32.89 8.41
C GLN B 228 -16.09 -31.50 8.27
N ALA B 229 -15.90 -31.06 7.03
CA ALA B 229 -15.37 -29.73 6.79
C ALA B 229 -16.27 -28.75 7.55
N LYS B 230 -17.57 -28.85 7.31
CA LYS B 230 -18.54 -27.99 7.98
C LYS B 230 -18.52 -28.16 9.50
N THR B 231 -18.63 -29.41 9.94
CA THR B 231 -18.67 -29.77 11.35
C THR B 231 -17.47 -29.32 12.16
N LEU B 232 -16.28 -29.47 11.59
CA LEU B 232 -15.06 -29.05 12.30
C LEU B 232 -14.82 -27.55 12.13
N ASN B 233 -15.18 -27.02 10.97
CA ASN B 233 -15.00 -25.59 10.73
C ASN B 233 -15.88 -24.82 11.69
N ASN B 234 -17.10 -25.30 11.87
CA ASN B 234 -18.05 -24.64 12.76
C ASN B 234 -17.51 -24.46 14.18
N LYS B 235 -16.64 -25.37 14.60
CA LYS B 235 -16.08 -25.30 15.94
C LYS B 235 -15.17 -24.08 16.07
N ILE B 236 -14.65 -23.62 14.94
CA ILE B 236 -13.73 -22.49 14.92
C ILE B 236 -14.20 -21.28 14.10
N ALA B 237 -15.43 -21.32 13.59
CA ALA B 237 -15.96 -20.22 12.78
C ALA B 237 -15.86 -18.88 13.51
N ASN B 238 -16.49 -18.80 14.68
CA ASN B 238 -16.48 -17.59 15.51
C ASN B 238 -15.09 -16.96 15.56
N LEU B 239 -14.08 -17.79 15.43
CA LEU B 239 -12.71 -17.30 15.45
C LEU B 239 -12.38 -16.57 14.15
N HIS B 240 -12.71 -17.13 12.98
CA HIS B 240 -12.41 -16.45 11.71
C HIS B 240 -12.94 -15.01 11.75
N ASN B 241 -14.07 -14.83 12.44
CA ASN B 241 -14.70 -13.53 12.60
C ASN B 241 -13.95 -12.60 13.54
N ILE B 242 -14.02 -12.92 14.84
CA ILE B 242 -13.40 -12.08 15.86
C ILE B 242 -11.92 -11.76 15.69
N LEU B 243 -11.23 -12.42 14.75
CA LEU B 243 -9.81 -12.16 14.53
C LEU B 243 -9.55 -11.00 13.58
N PHE B 244 -10.63 -10.37 13.12
CA PHE B 244 -10.52 -9.25 12.21
C PHE B 244 -11.37 -8.10 12.74
N CYS B 245 -11.67 -8.11 14.04
CA CYS B 245 -12.46 -7.00 14.58
C CYS B 245 -11.66 -5.71 14.46
N GLU B 246 -10.35 -5.85 14.25
CA GLU B 246 -9.46 -4.73 13.99
C GLU B 246 -8.58 -5.28 12.87
N SER B 247 -7.79 -4.44 12.23
CA SER B 247 -6.98 -4.94 11.13
C SER B 247 -6.03 -6.05 11.52
N ASN B 248 -5.98 -7.07 10.69
CA ASN B 248 -5.06 -8.21 10.91
C ASN B 248 -3.67 -7.57 10.81
N PRO B 249 -2.80 -7.84 11.75
CA PRO B 249 -2.93 -8.86 12.75
C PRO B 249 -3.00 -8.33 14.16
N ILE B 250 -3.70 -7.25 14.35
CA ILE B 250 -3.86 -6.65 15.67
C ILE B 250 -4.41 -7.61 16.73
N PRO B 251 -5.50 -8.29 16.38
CA PRO B 251 -6.24 -9.18 17.27
C PRO B 251 -5.61 -10.55 17.52
N VAL B 252 -5.14 -11.17 16.45
CA VAL B 252 -4.53 -12.49 16.56
C VAL B 252 -3.30 -12.38 17.44
N LYS B 253 -2.62 -11.25 17.36
CA LYS B 253 -1.42 -11.02 18.15
C LYS B 253 -1.84 -10.77 19.60
N TRP B 254 -3.09 -10.40 19.80
CA TRP B 254 -3.56 -10.22 21.17
C TRP B 254 -4.08 -11.57 21.60
N ALA B 255 -4.60 -12.31 20.63
CA ALA B 255 -5.12 -13.63 20.93
C ALA B 255 -3.95 -14.44 21.46
N LEU B 256 -2.85 -14.44 20.72
CA LEU B 256 -1.69 -15.18 21.15
C LEU B 256 -1.18 -14.64 22.48
N HIS B 257 -1.44 -13.38 22.78
CA HIS B 257 -0.95 -12.87 24.07
C HIS B 257 -1.78 -13.49 25.17
N GLU B 258 -3.10 -13.48 25.00
CA GLU B 258 -3.98 -14.07 26.01
C GLU B 258 -3.60 -15.55 26.19
N MET B 259 -3.17 -16.18 25.09
CA MET B 259 -2.77 -17.58 25.14
C MET B 259 -1.45 -17.73 25.92
N GLY B 260 -0.77 -16.60 26.12
CA GLY B 260 0.48 -16.63 26.86
C GLY B 260 1.66 -17.04 25.99
N LEU B 261 1.44 -17.03 24.68
CA LEU B 261 2.50 -17.42 23.76
C LEU B 261 3.38 -16.27 23.25
N ILE B 262 2.92 -15.03 23.27
CA ILE B 262 3.74 -13.90 22.88
C ILE B 262 3.57 -12.67 23.77
N ASP B 263 4.52 -11.73 23.74
CA ASP B 263 4.38 -10.49 24.49
C ASP B 263 3.61 -9.51 23.60
N THR B 264 3.14 -8.41 24.17
CA THR B 264 2.33 -7.41 23.45
C THR B 264 2.95 -6.56 22.34
N GLY B 265 4.15 -6.91 21.89
CA GLY B 265 4.81 -6.12 20.86
C GLY B 265 4.12 -6.03 19.50
N ILE B 266 4.19 -4.85 18.90
CA ILE B 266 3.58 -4.61 17.60
C ILE B 266 4.02 -3.24 17.09
N ARG B 267 4.57 -3.19 15.88
CA ARG B 267 5.10 -1.95 15.35
C ARG B 267 4.12 -0.95 14.78
N LEU B 268 4.25 0.30 15.24
CA LEU B 268 3.42 1.39 14.73
C LEU B 268 3.71 1.38 13.19
N PRO B 269 2.73 1.76 12.37
CA PRO B 269 1.38 2.25 12.69
C PRO B 269 0.37 1.29 13.33
N LEU B 270 0.76 0.07 13.66
CA LEU B 270 -0.24 -0.80 14.26
C LEU B 270 -0.26 -0.61 15.77
N THR B 271 -1.36 -1.02 16.39
CA THR B 271 -1.56 -0.84 17.82
C THR B 271 -2.19 -2.06 18.47
N PRO B 272 -1.95 -2.25 19.78
CA PRO B 272 -2.50 -3.38 20.52
C PRO B 272 -4.02 -3.43 20.41
N LEU B 273 -4.60 -4.62 20.28
CA LEU B 273 -6.03 -4.73 20.17
C LEU B 273 -6.75 -3.83 21.18
N ALA B 274 -7.58 -2.94 20.67
CA ALA B 274 -8.35 -1.98 21.48
C ALA B 274 -9.02 -2.64 22.69
N GLU B 275 -8.84 -2.03 23.87
CA GLU B 275 -9.43 -2.54 25.11
C GLU B 275 -10.87 -3.03 24.96
N GLN B 276 -11.60 -2.39 24.05
CA GLN B 276 -12.99 -2.71 23.79
C GLN B 276 -13.28 -4.13 23.28
N TYR B 277 -12.40 -4.71 22.47
CA TYR B 277 -12.64 -6.08 21.97
C TYR B 277 -11.82 -7.11 22.74
N ARG B 278 -11.34 -6.75 23.92
CA ARG B 278 -10.55 -7.73 24.66
C ARG B 278 -11.37 -8.76 25.42
N GLU B 279 -12.52 -8.39 25.93
CA GLU B 279 -13.31 -9.40 26.61
C GLU B 279 -13.97 -10.20 25.49
N PRO B 280 -14.51 -9.51 24.45
CA PRO B 280 -15.13 -10.24 23.34
C PRO B 280 -14.23 -11.29 22.71
N LEU B 281 -12.93 -11.01 22.64
CA LEU B 281 -11.99 -11.96 22.07
C LEU B 281 -11.70 -13.05 23.10
N ARG B 282 -11.48 -12.64 24.35
CA ARG B 282 -11.18 -13.61 25.41
C ARG B 282 -12.23 -14.70 25.54
N ASN B 283 -13.50 -14.35 25.35
CA ASN B 283 -14.56 -15.34 25.44
C ASN B 283 -14.51 -16.26 24.24
N ALA B 284 -14.47 -15.67 23.04
CA ALA B 284 -14.42 -16.47 21.81
C ALA B 284 -13.31 -17.52 21.92
N LEU B 285 -12.23 -17.16 22.60
CA LEU B 285 -11.12 -18.09 22.77
C LEU B 285 -11.48 -19.19 23.76
N LYS B 286 -12.34 -18.88 24.70
CA LYS B 286 -12.77 -19.83 25.68
C LYS B 286 -13.85 -20.73 25.15
N ASP B 287 -14.73 -20.19 24.32
CA ASP B 287 -15.78 -20.96 23.66
C ASP B 287 -15.16 -22.01 22.73
N ALA B 288 -14.02 -21.68 22.15
CA ALA B 288 -13.33 -22.59 21.25
C ALA B 288 -12.39 -23.48 22.05
N GLY B 289 -12.39 -23.27 23.36
CA GLY B 289 -11.55 -24.06 24.23
C GLY B 289 -10.06 -23.95 23.97
N ILE B 290 -9.59 -22.77 23.61
CA ILE B 290 -8.17 -22.59 23.38
C ILE B 290 -7.51 -22.14 24.68
N ILE B 291 -8.33 -21.69 25.64
CA ILE B 291 -7.90 -21.31 26.99
C ILE B 291 -9.09 -21.34 27.93
#